data_2OG7
#
_entry.id   2OG7
#
_cell.length_a   91.308
_cell.length_b   91.308
_cell.length_c   90.867
_cell.angle_alpha   90.000
_cell.angle_beta   90.000
_cell.angle_gamma   120.000
#
_symmetry.space_group_name_H-M   'P 31 2 1'
#
loop_
_entity.id
_entity.type
_entity.pdbx_description
1 polymer 'asparagine oxygenase'
2 non-polymer 'FE (II) ION'
3 non-polymer 'SUCCINIC ACID'
4 non-polymer BETA-HYDROXYASPARAGINE
5 water water
#
_entity_poly.entity_id   1
_entity_poly.type   'polypeptide(L)'
_entity_poly.pdbx_seq_one_letter_code
;MKHHHHHHHSDYDIPTTENLYFQGSAANAAGPASRYDVTLDQSDAELVEEIAWKLATQATGRPDDAEWVEAARNAWHAWP
ATLRRDLAGFRRDSGPDGAIVLRGLPVDSMGLPPTPRVNGSVQREASLGAAVLLMTACGLGDPGAFLPEKNGALVQDVVP
VPGMEEFQGNAGSTLLTFHNENAFHEHRPDFVMLLCLRADPTGRAGLRTACVRRVLPLLSDSTVDALWAPEFRTAPPPSF
QLSGPEEAPAPVLLGDRSDPDLRVDLAATEPVTERAAEALRELQAHFDATAVTHRLLPGELAIVDNRVTVHGRTEFTPRY
DGTDRWLQRTFVLTDLRRSRAMRPADGYVLGAAPQPA
;
_entity_poly.pdbx_strand_id   A
#
# COMPACT_ATOMS: atom_id res chain seq x y z
N ARG A 35 -3.92 -11.55 16.19
CA ARG A 35 -2.60 -10.86 16.12
C ARG A 35 -2.44 -10.06 14.83
N TYR A 36 -3.57 -9.74 14.20
CA TYR A 36 -3.58 -8.90 12.99
C TYR A 36 -4.33 -7.58 13.24
N ASP A 37 -4.60 -7.32 14.51
CA ASP A 37 -5.16 -6.06 14.93
C ASP A 37 -4.49 -5.72 16.25
N VAL A 38 -3.55 -4.78 16.20
CA VAL A 38 -2.69 -4.51 17.32
C VAL A 38 -2.87 -3.09 17.80
N THR A 39 -3.40 -2.94 19.00
CA THR A 39 -3.48 -1.64 19.63
C THR A 39 -2.29 -1.48 20.56
N LEU A 40 -1.47 -0.47 20.29
CA LEU A 40 -0.34 -0.14 21.16
C LEU A 40 -0.85 0.22 22.56
N ASP A 41 -0.21 -0.30 23.59
CA ASP A 41 -0.52 0.14 24.94
C ASP A 41 0.16 1.49 25.17
N GLN A 42 -0.23 2.17 26.25
CA GLN A 42 0.22 3.54 26.48
C GLN A 42 1.74 3.67 26.50
N SER A 43 2.41 2.71 27.13
CA SER A 43 3.87 2.72 27.26
C SER A 43 4.56 2.62 25.88
N ASP A 44 4.15 1.63 25.09
CA ASP A 44 4.71 1.47 23.74
C ASP A 44 4.37 2.67 22.85
N ALA A 45 3.14 3.16 22.94
CA ALA A 45 2.72 4.33 22.20
C ALA A 45 3.58 5.56 22.51
N GLU A 46 3.87 5.78 23.79
CA GLU A 46 4.72 6.89 24.20
C GLU A 46 6.16 6.74 23.71
N LEU A 47 6.67 5.51 23.70
CA LEU A 47 8.05 5.26 23.26
C LEU A 47 8.21 5.50 21.76
N VAL A 48 7.28 4.98 20.98
CA VAL A 48 7.33 5.19 19.53
C VAL A 48 7.17 6.68 19.19
N GLU A 49 6.28 7.36 19.91
CA GLU A 49 6.16 8.82 19.79
C GLU A 49 7.51 9.50 20.00
N GLU A 50 8.17 9.18 21.12
CA GLU A 50 9.50 9.75 21.38
C GLU A 50 10.48 9.47 20.25
N ILE A 51 10.51 8.23 19.78
CA ILE A 51 11.45 7.82 18.74
C ILE A 51 11.16 8.57 17.44
N ALA A 52 9.88 8.65 17.09
CA ALA A 52 9.45 9.33 15.87
C ALA A 52 9.75 10.84 15.91
N TRP A 53 9.53 11.49 17.05
CA TRP A 53 9.85 12.91 17.19
C TRP A 53 11.35 13.15 17.03
N LYS A 54 12.14 12.33 17.72
CA LYS A 54 13.59 12.45 17.67
C LYS A 54 14.11 12.31 16.24
N LEU A 55 13.58 11.32 15.51
CA LEU A 55 13.96 11.13 14.13
C LEU A 55 13.56 12.31 13.26
N ALA A 56 12.31 12.75 13.41
CA ALA A 56 11.75 13.82 12.58
C ALA A 56 12.43 15.17 12.84
N THR A 57 12.80 15.44 14.08
CA THR A 57 13.35 16.76 14.43
C THR A 57 14.88 16.80 14.44
N GLN A 58 15.54 15.67 14.66
CA GLN A 58 17.00 15.65 14.80
C GLN A 58 17.78 15.02 13.66
N ALA A 59 17.17 14.10 12.91
CA ALA A 59 17.90 13.44 11.83
C ALA A 59 18.23 14.46 10.75
N THR A 60 19.44 14.39 10.21
CA THR A 60 19.87 15.28 9.14
C THR A 60 19.29 14.85 7.80
N GLY A 61 19.14 15.81 6.89
CA GLY A 61 18.53 15.57 5.60
C GLY A 61 17.02 15.45 5.69
N ARG A 62 16.41 14.85 4.68
CA ARG A 62 14.97 14.71 4.60
C ARG A 62 14.61 13.30 4.15
N PRO A 63 13.36 12.88 4.35
CA PRO A 63 12.96 11.49 4.12
C PRO A 63 13.43 10.76 2.86
N ASP A 64 13.53 11.44 1.72
CA ASP A 64 13.98 10.78 0.50
C ASP A 64 15.48 10.60 0.39
N ASP A 65 16.22 11.23 1.30
CA ASP A 65 17.67 11.10 1.36
C ASP A 65 18.08 9.76 1.99
N ALA A 66 19.07 9.10 1.41
CA ALA A 66 19.61 7.85 1.97
C ALA A 66 19.98 8.00 3.44
N GLU A 67 20.55 9.15 3.82
CA GLU A 67 20.96 9.36 5.21
C GLU A 67 19.78 9.38 6.19
N TRP A 68 18.61 9.80 5.71
CA TRP A 68 17.41 9.85 6.54
C TRP A 68 16.81 8.46 6.68
N VAL A 69 16.79 7.72 5.57
CA VAL A 69 16.31 6.33 5.61
C VAL A 69 17.21 5.51 6.54
N GLU A 70 18.51 5.79 6.51
CA GLU A 70 19.46 5.11 7.42
C GLU A 70 19.14 5.43 8.88
N ALA A 71 18.83 6.70 9.18
CA ALA A 71 18.42 7.11 10.52
C ALA A 71 17.14 6.41 10.92
N ALA A 72 16.20 6.30 9.98
CA ALA A 72 14.94 5.59 10.21
C ALA A 72 15.19 4.11 10.52
N ARG A 73 16.14 3.51 9.80
CA ARG A 73 16.46 2.10 10.00
C ARG A 73 17.03 1.89 11.40
N ASN A 74 17.89 2.79 11.83
CA ASN A 74 18.47 2.70 13.15
C ASN A 74 17.41 2.93 14.23
N ALA A 75 16.54 3.90 13.98
CA ALA A 75 15.46 4.24 14.92
C ALA A 75 14.47 3.10 15.08
N TRP A 76 14.17 2.40 13.98
CA TRP A 76 13.29 1.25 14.07
C TRP A 76 13.74 0.30 15.19
N HIS A 77 15.05 0.10 15.28
CA HIS A 77 15.57 -0.86 16.24
C HIS A 77 15.50 -0.40 17.69
N ALA A 78 15.10 0.86 17.91
CA ALA A 78 14.74 1.34 19.24
C ALA A 78 13.27 1.06 19.61
N TRP A 79 12.42 0.66 18.65
CA TRP A 79 11.02 0.37 18.98
C TRP A 79 10.94 -0.72 20.03
N PRO A 80 9.82 -0.76 20.78
CA PRO A 80 9.69 -1.85 21.74
C PRO A 80 9.66 -3.23 21.05
N ALA A 81 10.27 -4.19 21.74
CA ALA A 81 10.39 -5.55 21.22
C ALA A 81 9.04 -6.14 20.86
N THR A 82 8.03 -5.83 21.67
CA THR A 82 6.68 -6.33 21.43
C THR A 82 6.21 -6.03 20.02
N LEU A 83 6.36 -4.77 19.61
CA LEU A 83 5.94 -4.33 18.28
C LEU A 83 6.81 -4.93 17.18
N ARG A 84 8.11 -5.00 17.43
CA ARG A 84 9.03 -5.62 16.46
C ARG A 84 8.69 -7.09 16.25
N ARG A 85 8.34 -7.79 17.32
CA ARG A 85 7.89 -9.15 17.25
C ARG A 85 6.56 -9.29 16.50
N ASP A 86 5.62 -8.38 16.74
CA ASP A 86 4.34 -8.38 16.00
C ASP A 86 4.58 -8.26 14.49
N LEU A 87 5.39 -7.28 14.10
CA LEU A 87 5.71 -7.05 12.69
C LEU A 87 6.47 -8.23 12.09
N ALA A 88 7.42 -8.78 12.83
CA ALA A 88 8.17 -9.96 12.32
C ALA A 88 7.25 -11.14 12.10
N GLY A 89 6.28 -11.32 12.99
CA GLY A 89 5.32 -12.40 12.86
C GLY A 89 4.46 -12.24 11.62
N PHE A 90 4.03 -11.00 11.35
CA PHE A 90 3.22 -10.70 10.18
C PHE A 90 4.01 -10.90 8.89
N ARG A 91 5.27 -10.48 8.90
CA ARG A 91 6.12 -10.67 7.74
C ARG A 91 6.23 -12.16 7.40
N ARG A 92 6.34 -12.98 8.45
CA ARG A 92 6.52 -14.42 8.27
C ARG A 92 5.24 -15.09 7.78
N ASP A 93 4.11 -14.62 8.29
CA ASP A 93 2.81 -15.18 7.96
C ASP A 93 1.76 -14.07 8.11
N SER A 94 1.25 -13.58 6.99
CA SER A 94 0.31 -12.47 6.99
C SER A 94 -1.15 -12.90 7.25
N GLY A 95 -1.37 -14.18 7.48
CA GLY A 95 -2.68 -14.64 7.91
C GLY A 95 -3.73 -14.75 6.82
N PRO A 96 -4.92 -15.22 7.19
CA PRO A 96 -5.95 -15.49 6.18
C PRO A 96 -6.45 -14.25 5.45
N ASP A 97 -6.29 -13.07 6.05
CA ASP A 97 -6.69 -11.84 5.40
C ASP A 97 -5.53 -11.01 4.81
N GLY A 98 -4.31 -11.48 5.02
CA GLY A 98 -3.13 -10.87 4.42
C GLY A 98 -2.95 -9.41 4.75
N ALA A 99 -3.32 -9.02 5.96
CA ALA A 99 -3.26 -7.63 6.36
C ALA A 99 -3.20 -7.52 7.87
N ILE A 100 -2.60 -6.42 8.35
CA ILE A 100 -2.55 -6.11 9.78
C ILE A 100 -2.82 -4.62 9.94
N VAL A 101 -3.50 -4.27 11.02
CA VAL A 101 -3.73 -2.87 11.34
C VAL A 101 -3.14 -2.63 12.73
N LEU A 102 -2.29 -1.62 12.85
CA LEU A 102 -1.74 -1.17 14.12
C LEU A 102 -2.43 0.13 14.50
N ARG A 103 -2.75 0.28 15.78
CA ARG A 103 -3.50 1.44 16.25
C ARG A 103 -2.74 2.12 17.38
N GLY A 104 -2.70 3.46 17.35
CA GLY A 104 -2.08 4.24 18.41
C GLY A 104 -0.68 4.74 18.07
N LEU A 105 -0.36 4.80 16.78
CA LEU A 105 0.91 5.35 16.33
C LEU A 105 0.85 6.87 16.36
N PRO A 106 2.03 7.52 16.49
CA PRO A 106 2.03 8.98 16.66
C PRO A 106 1.72 9.74 15.39
N VAL A 107 0.75 10.64 15.47
CA VAL A 107 0.48 11.62 14.43
C VAL A 107 0.16 12.94 15.13
N ASP A 108 0.73 14.03 14.62
CA ASP A 108 0.56 15.36 15.22
C ASP A 108 -0.75 15.99 14.76
N SER A 109 -1.86 15.54 15.32
CA SER A 109 -3.19 15.98 14.88
C SER A 109 -3.40 17.49 15.03
N MET A 110 -2.95 18.04 16.15
CA MET A 110 -3.10 19.46 16.43
C MET A 110 -2.25 20.32 15.48
N GLY A 111 -1.08 19.80 15.11
CA GLY A 111 -0.17 20.52 14.21
C GLY A 111 -0.39 20.23 12.73
N LEU A 112 -1.33 19.33 12.42
CA LEU A 112 -1.54 18.88 11.06
C LEU A 112 -2.20 19.97 10.21
N PRO A 113 -1.61 20.32 9.05
CA PRO A 113 -2.19 21.35 8.20
C PRO A 113 -3.41 20.85 7.46
N PRO A 114 -4.04 21.74 6.66
CA PRO A 114 -5.17 21.28 5.85
C PRO A 114 -4.76 20.16 4.89
N THR A 115 -5.68 19.26 4.63
CA THR A 115 -5.39 18.14 3.74
C THR A 115 -5.02 18.71 2.36
N PRO A 116 -3.88 18.29 1.80
CA PRO A 116 -3.52 18.75 0.46
C PRO A 116 -4.59 18.42 -0.59
N ARG A 117 -4.73 19.32 -1.56
CA ARG A 117 -5.70 19.19 -2.65
C ARG A 117 -5.04 19.20 -4.03
N VAL A 118 -3.72 19.07 -4.07
CA VAL A 118 -2.99 19.02 -5.32
C VAL A 118 -2.71 17.58 -5.73
N ASN A 119 -2.69 17.34 -7.04
CA ASN A 119 -2.31 16.05 -7.55
C ASN A 119 -0.80 15.87 -7.35
N GLY A 120 -0.36 14.62 -7.21
CA GLY A 120 1.05 14.35 -7.00
C GLY A 120 1.58 14.76 -5.63
N SER A 121 0.69 14.95 -4.65
CA SER A 121 1.10 15.38 -3.33
C SER A 121 1.97 14.30 -2.66
N VAL A 122 3.11 14.72 -2.13
CA VAL A 122 4.05 13.83 -1.47
C VAL A 122 4.67 14.52 -0.26
N GLN A 123 5.22 13.73 0.65
CA GLN A 123 5.80 14.26 1.87
C GLN A 123 7.31 14.30 1.71
N ARG A 124 7.84 15.44 1.25
CA ARG A 124 9.28 15.63 1.08
C ARG A 124 9.98 16.04 2.37
N GLU A 125 9.25 16.71 3.26
CA GLU A 125 9.86 17.19 4.51
C GLU A 125 9.74 16.16 5.62
N ALA A 126 10.68 16.21 6.57
CA ALA A 126 10.62 15.39 7.76
C ALA A 126 9.32 15.64 8.53
N SER A 127 8.73 14.56 9.02
CA SER A 127 7.50 14.61 9.80
C SER A 127 7.33 13.33 10.59
N LEU A 128 6.42 13.35 11.56
CA LEU A 128 6.11 12.17 12.35
C LEU A 128 5.57 11.06 11.45
N GLY A 129 4.74 11.42 10.48
CA GLY A 129 4.20 10.43 9.54
C GLY A 129 5.28 9.78 8.71
N ALA A 130 6.18 10.59 8.16
CA ALA A 130 7.32 10.06 7.40
C ALA A 130 8.20 9.17 8.30
N ALA A 131 8.41 9.60 9.53
CA ALA A 131 9.18 8.81 10.51
C ALA A 131 8.56 7.44 10.76
N VAL A 132 7.28 7.41 11.09
CA VAL A 132 6.59 6.16 11.36
C VAL A 132 6.65 5.23 10.14
N LEU A 133 6.29 5.75 8.97
CA LEU A 133 6.30 4.93 7.76
C LEU A 133 7.69 4.41 7.42
N LEU A 134 8.71 5.28 7.41
CA LEU A 134 10.03 4.81 6.96
C LEU A 134 10.72 3.90 7.97
N MET A 135 10.47 4.12 9.26
CA MET A 135 10.98 3.17 10.28
C MET A 135 10.34 1.79 10.06
N THR A 136 9.02 1.76 9.89
CA THR A 136 8.33 0.49 9.73
C THR A 136 8.78 -0.20 8.45
N ALA A 137 9.00 0.58 7.38
CA ALA A 137 9.48 0.00 6.12
C ALA A 137 10.82 -0.69 6.29
N CYS A 138 11.71 -0.05 7.05
CA CYS A 138 13.03 -0.66 7.33
C CYS A 138 12.94 -1.89 8.23
N GLY A 139 11.86 -2.00 9.01
CA GLY A 139 11.60 -3.19 9.81
C GLY A 139 11.14 -4.39 9.01
N LEU A 140 10.32 -4.14 8.00
CA LEU A 140 9.75 -5.21 7.15
C LEU A 140 10.61 -5.55 5.94
N GLY A 141 11.48 -4.63 5.55
CA GLY A 141 12.40 -4.79 4.43
C GLY A 141 13.11 -3.48 4.22
N ASP A 142 12.81 -2.83 3.11
CA ASP A 142 13.22 -1.45 2.86
C ASP A 142 12.11 -0.70 2.16
N PRO A 143 12.06 0.63 2.32
CA PRO A 143 11.10 1.40 1.56
C PRO A 143 11.52 1.43 0.09
N GLY A 144 10.58 1.69 -0.79
CA GLY A 144 10.92 1.91 -2.18
C GLY A 144 9.79 2.65 -2.86
N ALA A 145 10.10 3.22 -4.01
CA ALA A 145 9.09 3.90 -4.81
C ALA A 145 9.51 3.84 -6.27
N PHE A 146 8.61 4.28 -7.14
CA PHE A 146 8.78 4.16 -8.58
C PHE A 146 8.83 5.55 -9.18
N LEU A 147 9.86 5.83 -9.95
CA LEU A 147 10.09 7.16 -10.48
C LEU A 147 8.86 7.75 -11.20
N PRO A 148 8.17 6.95 -12.05
CA PRO A 148 7.01 7.49 -12.77
C PRO A 148 5.74 7.75 -11.95
N GLU A 149 5.74 7.37 -10.68
CA GLU A 149 4.59 7.53 -9.81
C GLU A 149 4.91 8.38 -8.58
N LYS A 150 4.17 9.48 -8.40
CA LYS A 150 4.39 10.41 -7.30
C LYS A 150 5.87 10.85 -7.26
N ASN A 151 6.45 10.97 -8.45
CA ASN A 151 7.86 11.37 -8.61
C ASN A 151 8.82 10.57 -7.74
N GLY A 152 8.48 9.32 -7.51
CA GLY A 152 9.34 8.43 -6.76
C GLY A 152 9.49 8.73 -5.28
N ALA A 153 8.59 9.53 -4.71
CA ALA A 153 8.66 9.89 -3.28
C ALA A 153 8.44 8.63 -2.44
N LEU A 154 9.20 8.50 -1.36
CA LEU A 154 9.01 7.35 -0.46
C LEU A 154 7.75 7.44 0.38
N VAL A 155 7.31 8.67 0.66
CA VAL A 155 6.10 8.91 1.46
C VAL A 155 5.13 9.72 0.62
N GLN A 156 4.02 9.08 0.25
CA GLN A 156 3.11 9.63 -0.75
C GLN A 156 1.75 9.93 -0.14
N ASP A 157 1.17 11.06 -0.49
CA ASP A 157 -0.16 11.39 0.04
C ASP A 157 -1.26 10.71 -0.75
N VAL A 158 -2.25 10.20 -0.02
CA VAL A 158 -3.47 9.65 -0.60
C VAL A 158 -4.60 10.58 -0.18
N VAL A 159 -4.90 11.53 -1.06
CA VAL A 159 -5.85 12.61 -0.77
C VAL A 159 -6.73 12.83 -2.00
N PRO A 160 -8.00 13.18 -1.78
CA PRO A 160 -8.87 13.44 -2.94
C PRO A 160 -8.53 14.77 -3.62
N VAL A 161 -8.42 14.77 -4.94
CA VAL A 161 -8.08 15.97 -5.70
C VAL A 161 -9.22 16.42 -6.61
N PRO A 162 -9.62 17.70 -6.51
CA PRO A 162 -10.70 18.19 -7.36
C PRO A 162 -10.44 17.92 -8.84
N GLY A 163 -11.43 17.39 -9.54
CA GLY A 163 -11.29 17.05 -10.96
C GLY A 163 -10.79 15.64 -11.23
N MET A 164 -10.29 14.95 -10.21
CA MET A 164 -9.76 13.60 -10.34
C MET A 164 -10.72 12.56 -9.77
N GLU A 165 -11.96 12.96 -9.53
CA GLU A 165 -12.93 12.10 -8.86
C GLU A 165 -13.04 10.73 -9.50
N GLU A 166 -12.99 10.68 -10.83
CA GLU A 166 -13.19 9.44 -11.59
C GLU A 166 -11.92 8.62 -11.82
N PHE A 167 -10.80 9.12 -11.32
CA PHE A 167 -9.53 8.39 -11.48
C PHE A 167 -9.51 7.11 -10.64
N GLN A 168 -9.11 6.02 -11.26
CA GLN A 168 -8.81 4.78 -10.55
C GLN A 168 -7.43 4.89 -9.92
N GLY A 169 -7.35 5.67 -8.86
CA GLY A 169 -6.08 5.87 -8.19
C GLY A 169 -6.20 6.69 -6.93
N ASN A 170 -5.06 7.05 -6.39
CA ASN A 170 -4.99 7.65 -5.05
C ASN A 170 -5.71 8.99 -4.89
N ALA A 171 -5.91 9.73 -6.00
CA ALA A 171 -6.55 11.05 -5.95
C ALA A 171 -8.05 10.99 -6.24
N GLY A 172 -8.55 9.80 -6.54
CA GLY A 172 -9.94 9.61 -6.89
C GLY A 172 -10.85 9.54 -5.67
N SER A 173 -12.14 9.62 -5.92
CA SER A 173 -13.14 9.41 -4.87
C SER A 173 -14.36 8.60 -5.35
N THR A 174 -14.32 8.16 -6.59
CA THR A 174 -15.25 7.15 -7.07
C THR A 174 -14.79 5.82 -6.53
N LEU A 175 -15.62 4.79 -6.65
CA LEU A 175 -15.26 3.46 -6.17
C LEU A 175 -13.97 3.03 -6.85
N LEU A 176 -12.98 2.68 -6.04
CA LEU A 176 -11.67 2.25 -6.51
C LEU A 176 -11.65 0.73 -6.55
N THR A 177 -11.50 0.19 -7.76
CA THR A 177 -11.57 -1.24 -8.00
C THR A 177 -10.41 -1.96 -7.29
N PHE A 178 -10.64 -3.24 -7.00
CA PHE A 178 -9.61 -4.05 -6.36
C PHE A 178 -8.39 -4.26 -7.24
N HIS A 179 -7.23 -4.16 -6.61
CA HIS A 179 -5.97 -4.33 -7.34
C HIS A 179 -4.86 -4.71 -6.39
N ASN A 180 -3.89 -5.45 -6.92
CA ASN A 180 -2.56 -5.46 -6.33
C ASN A 180 -1.90 -4.16 -6.71
N GLU A 181 -1.14 -3.59 -5.79
CA GLU A 181 -0.47 -2.33 -6.07
C GLU A 181 0.55 -2.52 -7.18
N ASN A 182 0.49 -1.65 -8.19
CA ASN A 182 1.44 -1.64 -9.29
C ASN A 182 1.64 -3.05 -9.86
N ALA A 183 0.51 -3.71 -10.10
CA ALA A 183 0.47 -5.12 -10.47
C ALA A 183 1.34 -5.44 -11.69
N PHE A 184 1.42 -4.51 -12.63
CA PHE A 184 2.20 -4.72 -13.86
C PHE A 184 3.68 -4.96 -13.60
N HIS A 185 4.18 -4.42 -12.49
CA HIS A 185 5.62 -4.27 -12.31
C HIS A 185 6.26 -5.50 -11.69
N GLU A 186 7.39 -5.92 -12.24
CA GLU A 186 8.12 -7.09 -11.74
C GLU A 186 8.55 -6.94 -10.28
N HIS A 187 8.81 -5.71 -9.87
CA HIS A 187 9.25 -5.39 -8.51
C HIS A 187 8.20 -4.55 -7.80
N ARG A 188 6.94 -4.90 -8.04
CA ARG A 188 5.83 -4.24 -7.38
C ARG A 188 5.97 -4.40 -5.87
N PRO A 189 5.36 -3.49 -5.09
CA PRO A 189 5.52 -3.56 -3.63
C PRO A 189 5.22 -4.93 -3.06
N ASP A 190 6.00 -5.36 -2.07
CA ASP A 190 5.67 -6.56 -1.31
C ASP A 190 4.62 -6.25 -0.24
N PHE A 191 4.81 -5.12 0.43
CA PHE A 191 3.79 -4.58 1.34
C PHE A 191 3.42 -3.16 0.95
N VAL A 192 2.16 -2.82 1.22
CA VAL A 192 1.67 -1.44 1.05
C VAL A 192 1.25 -0.98 2.43
N MET A 193 1.82 0.14 2.89
CA MET A 193 1.51 0.66 4.22
C MET A 193 0.76 1.96 4.07
N LEU A 194 -0.33 2.09 4.81
CA LEU A 194 -1.19 3.27 4.77
C LEU A 194 -1.38 3.77 6.18
N LEU A 195 -0.84 4.95 6.45
CA LEU A 195 -0.93 5.59 7.76
C LEU A 195 -1.98 6.69 7.69
N CYS A 196 -2.98 6.62 8.56
CA CYS A 196 -4.03 7.65 8.58
C CYS A 196 -3.61 8.86 9.40
N LEU A 197 -3.62 10.02 8.75
CA LEU A 197 -3.37 11.30 9.41
C LEU A 197 -4.69 11.96 9.77
N ARG A 198 -5.65 11.87 8.83
CA ARG A 198 -6.98 12.43 9.01
C ARG A 198 -8.00 11.47 8.39
N ALA A 199 -8.99 11.07 9.19
CA ALA A 199 -10.04 10.19 8.71
C ALA A 199 -10.94 10.95 7.76
N ASP A 200 -11.61 10.22 6.87
CA ASP A 200 -12.66 10.80 6.05
C ASP A 200 -13.77 11.27 6.99
N PRO A 201 -13.99 12.57 7.05
CA PRO A 201 -15.01 13.06 7.99
C PRO A 201 -16.45 12.75 7.57
N THR A 202 -16.67 12.42 6.30
CA THR A 202 -18.01 12.20 5.77
C THR A 202 -18.58 10.84 6.16
N GLY A 203 -17.72 9.89 6.56
CA GLY A 203 -18.16 8.57 6.99
C GLY A 203 -18.38 7.54 5.91
N ARG A 204 -18.16 7.91 4.65
CA ARG A 204 -18.42 6.99 3.53
C ARG A 204 -17.18 6.24 3.02
N ALA A 205 -15.98 6.79 3.20
CA ALA A 205 -14.76 6.17 2.68
C ALA A 205 -14.29 5.05 3.59
N GLY A 206 -13.84 3.96 2.99
CA GLY A 206 -13.20 2.90 3.73
C GLY A 206 -12.25 2.17 2.80
N LEU A 207 -11.10 1.78 3.33
CA LEU A 207 -10.17 0.89 2.64
C LEU A 207 -10.76 -0.50 2.64
N ARG A 208 -10.70 -1.18 1.50
CA ARG A 208 -11.13 -2.58 1.43
C ARG A 208 -9.95 -3.46 1.05
N THR A 209 -9.79 -4.56 1.75
CA THR A 209 -8.74 -5.54 1.44
C THR A 209 -9.37 -6.92 1.27
N ALA A 210 -8.97 -7.64 0.23
CA ALA A 210 -9.46 -8.99 -0.03
C ALA A 210 -8.29 -9.94 -0.27
N CYS A 211 -8.21 -11.02 0.51
CA CYS A 211 -7.05 -11.92 0.42
C CYS A 211 -7.40 -13.14 -0.39
N VAL A 212 -6.48 -13.55 -1.26
CA VAL A 212 -6.71 -14.72 -2.11
C VAL A 212 -6.89 -15.99 -1.27
N ARG A 213 -6.41 -15.97 -0.02
CA ARG A 213 -6.58 -17.13 0.88
C ARG A 213 -8.06 -17.34 1.23
N ARG A 214 -8.84 -16.27 1.25
CA ARG A 214 -10.30 -16.37 1.43
C ARG A 214 -11.02 -16.78 0.15
N VAL A 215 -10.51 -16.31 -0.98
CA VAL A 215 -11.16 -16.42 -2.27
C VAL A 215 -10.96 -17.81 -2.89
N LEU A 216 -9.73 -18.30 -2.88
CA LEU A 216 -9.39 -19.50 -3.63
C LEU A 216 -10.29 -20.72 -3.38
N PRO A 217 -10.60 -21.05 -2.10
CA PRO A 217 -11.44 -22.22 -1.83
C PRO A 217 -12.89 -22.10 -2.34
N LEU A 218 -13.30 -20.89 -2.69
CA LEU A 218 -14.66 -20.60 -3.12
C LEU A 218 -14.82 -20.57 -4.64
N LEU A 219 -13.72 -20.45 -5.37
CA LEU A 219 -13.78 -20.27 -6.83
C LEU A 219 -14.11 -21.58 -7.55
N SER A 220 -14.83 -21.46 -8.67
CA SER A 220 -15.18 -22.62 -9.50
C SER A 220 -13.93 -23.18 -10.17
N ASP A 221 -13.94 -24.49 -10.44
CA ASP A 221 -12.77 -25.15 -11.00
C ASP A 221 -12.32 -24.51 -12.31
N SER A 222 -13.28 -24.14 -13.15
CA SER A 222 -12.99 -23.52 -14.45
C SER A 222 -12.30 -22.17 -14.27
N THR A 223 -12.72 -21.41 -13.26
CA THR A 223 -12.11 -20.11 -12.97
C THR A 223 -10.68 -20.29 -12.46
N VAL A 224 -10.49 -21.22 -11.54
CA VAL A 224 -9.15 -21.51 -11.01
C VAL A 224 -8.21 -21.89 -12.15
N ASP A 225 -8.63 -22.81 -13.02
CA ASP A 225 -7.81 -23.20 -14.18
C ASP A 225 -7.48 -22.00 -15.06
N ALA A 226 -8.48 -21.15 -15.29
CA ALA A 226 -8.32 -19.96 -16.10
C ALA A 226 -7.28 -19.02 -15.50
N LEU A 227 -7.33 -18.83 -14.18
CA LEU A 227 -6.45 -17.88 -13.48
C LEU A 227 -4.97 -18.32 -13.45
N TRP A 228 -4.72 -19.62 -13.64
CA TRP A 228 -3.35 -20.13 -13.78
C TRP A 228 -2.80 -20.03 -15.21
N ALA A 229 -3.64 -19.68 -16.19
CA ALA A 229 -3.22 -19.65 -17.59
C ALA A 229 -2.74 -18.26 -17.98
N PRO A 230 -1.73 -18.17 -18.88
CA PRO A 230 -1.15 -16.89 -19.28
C PRO A 230 -2.04 -16.12 -20.26
N GLU A 231 -3.22 -15.73 -19.79
CA GLU A 231 -4.25 -15.14 -20.65
C GLU A 231 -4.76 -13.81 -20.09
N PHE A 232 -3.88 -13.13 -19.35
CA PHE A 232 -4.21 -11.85 -18.74
C PHE A 232 -3.08 -10.86 -19.01
N ARG A 233 -3.45 -9.67 -19.47
CA ARG A 233 -2.46 -8.66 -19.80
C ARG A 233 -2.70 -7.41 -18.95
N THR A 234 -1.65 -6.93 -18.28
CA THR A 234 -1.81 -5.84 -17.30
C THR A 234 -0.94 -4.61 -17.60
N ALA A 235 -1.59 -3.44 -17.59
CA ALA A 235 -0.94 -2.15 -17.83
C ALA A 235 -0.60 -1.45 -16.53
N PRO A 236 0.26 -0.42 -16.59
CA PRO A 236 0.51 0.38 -15.40
C PRO A 236 -0.77 1.09 -14.97
N PRO A 237 -0.90 1.36 -13.66
CA PRO A 237 -2.07 2.13 -13.26
C PRO A 237 -1.92 3.59 -13.73
N PRO A 238 -3.04 4.35 -13.76
CA PRO A 238 -2.99 5.74 -14.22
C PRO A 238 -2.01 6.62 -13.43
N SER A 239 -1.72 6.27 -12.18
CA SER A 239 -0.75 7.05 -11.39
C SER A 239 0.61 7.07 -12.07
N PHE A 240 0.86 6.09 -12.93
CA PHE A 240 2.15 6.03 -13.63
C PHE A 240 2.35 6.79 -14.95
N GLN A 241 1.65 6.45 -16.02
CA GLN A 241 0.74 7.32 -16.74
C GLN A 241 -0.66 6.86 -17.20
N LEU A 242 -1.28 7.65 -18.07
CA LEU A 242 -2.51 7.27 -18.77
C LEU A 242 -2.23 6.36 -19.98
N SER A 243 -3.01 5.28 -20.08
CA SER A 243 -2.95 4.37 -21.22
C SER A 243 -1.51 3.94 -21.53
N GLY A 244 -0.78 3.54 -20.50
CA GLY A 244 0.58 3.03 -20.66
C GLY A 244 0.62 1.69 -21.37
N PRO A 245 1.83 1.23 -21.74
CA PRO A 245 1.95 -0.03 -22.49
C PRO A 245 1.65 -1.23 -21.60
N GLU A 246 0.86 -2.16 -22.12
CA GLU A 246 0.52 -3.37 -21.37
C GLU A 246 1.67 -4.38 -21.41
N GLU A 247 1.92 -5.04 -20.27
CA GLU A 247 2.91 -6.11 -20.19
C GLU A 247 2.42 -7.36 -20.95
N ALA A 248 3.35 -8.28 -21.23
CA ALA A 248 3.01 -9.50 -21.97
C ALA A 248 2.02 -10.37 -21.20
N PRO A 249 1.27 -11.23 -21.90
CA PRO A 249 0.25 -12.06 -21.25
C PRO A 249 0.85 -12.96 -20.19
N ALA A 250 0.17 -13.09 -19.05
CA ALA A 250 0.66 -13.88 -17.94
C ALA A 250 -0.49 -14.33 -17.03
N PRO A 251 -0.24 -15.31 -16.15
CA PRO A 251 -1.30 -15.75 -15.24
C PRO A 251 -1.58 -14.76 -14.11
N VAL A 252 -2.75 -14.88 -13.50
CA VAL A 252 -3.11 -14.13 -12.29
C VAL A 252 -2.57 -14.82 -11.05
N LEU A 253 -2.72 -16.13 -10.96
CA LEU A 253 -2.21 -16.89 -9.81
C LEU A 253 -0.76 -17.32 -10.04
N LEU A 254 0.03 -17.27 -8.96
CA LEU A 254 1.48 -17.50 -9.01
C LEU A 254 1.89 -18.39 -7.86
N GLY A 255 2.89 -19.23 -8.09
CA GLY A 255 3.49 -19.98 -7.00
C GLY A 255 2.77 -21.26 -6.63
N ASP A 256 2.58 -21.47 -5.33
CA ASP A 256 2.00 -22.69 -4.78
C ASP A 256 0.53 -22.84 -5.15
N ARG A 257 0.13 -24.07 -5.49
CA ARG A 257 -1.26 -24.32 -5.86
C ARG A 257 -2.25 -24.11 -4.73
N SER A 258 -1.85 -24.36 -3.48
CA SER A 258 -2.75 -24.20 -2.32
C SER A 258 -2.67 -22.82 -1.69
N ASP A 259 -1.49 -22.22 -1.71
CA ASP A 259 -1.24 -20.91 -1.09
C ASP A 259 -0.53 -20.03 -2.11
N PRO A 260 -1.22 -19.71 -3.21
CA PRO A 260 -0.58 -18.90 -4.26
C PRO A 260 -0.47 -17.43 -3.90
N ASP A 261 0.43 -16.73 -4.59
CA ASP A 261 0.38 -15.29 -4.69
C ASP A 261 -0.54 -14.95 -5.85
N LEU A 262 -0.88 -13.67 -6.01
CA LEU A 262 -1.61 -13.25 -7.19
C LEU A 262 -1.14 -11.90 -7.70
N ARG A 263 -1.50 -11.63 -8.96
CA ARG A 263 -1.13 -10.41 -9.67
C ARG A 263 -2.28 -10.03 -10.58
N VAL A 264 -3.06 -9.04 -10.12
CA VAL A 264 -4.24 -8.62 -10.85
C VAL A 264 -4.65 -7.19 -10.47
N ASP A 265 -5.27 -6.51 -11.43
CA ASP A 265 -5.81 -5.18 -11.22
C ASP A 265 -7.11 -5.17 -12.02
N LEU A 266 -8.26 -5.06 -11.36
CA LEU A 266 -9.52 -5.16 -12.09
C LEU A 266 -9.78 -4.03 -13.09
N ALA A 267 -9.07 -2.92 -12.95
CA ALA A 267 -9.12 -1.81 -13.91
C ALA A 267 -8.07 -1.94 -15.04
N ALA A 268 -6.88 -2.45 -14.70
CA ALA A 268 -5.73 -2.42 -15.60
C ALA A 268 -5.43 -3.78 -16.25
N THR A 269 -6.08 -4.85 -15.79
CA THR A 269 -5.86 -6.19 -16.34
C THR A 269 -6.95 -6.54 -17.35
N GLU A 270 -6.49 -6.80 -18.57
CA GLU A 270 -7.37 -7.18 -19.69
C GLU A 270 -7.26 -8.69 -19.92
N PRO A 271 -8.41 -9.38 -20.00
CA PRO A 271 -8.38 -10.80 -20.36
C PRO A 271 -8.14 -10.98 -21.86
N VAL A 272 -7.32 -11.98 -22.21
CA VAL A 272 -6.98 -12.28 -23.61
C VAL A 272 -7.95 -13.28 -24.23
N THR A 273 -8.60 -14.08 -23.38
CA THR A 273 -9.58 -15.07 -23.84
C THR A 273 -10.93 -14.86 -23.17
N GLU A 274 -11.92 -15.61 -23.65
CA GLU A 274 -13.27 -15.59 -23.08
C GLU A 274 -13.30 -16.20 -21.67
N ARG A 275 -12.58 -17.29 -21.45
CA ARG A 275 -12.57 -17.94 -20.14
C ARG A 275 -11.88 -17.07 -19.07
N ALA A 276 -10.90 -16.28 -19.51
CA ALA A 276 -10.21 -15.32 -18.64
C ALA A 276 -11.15 -14.19 -18.22
N ALA A 277 -12.00 -13.74 -19.13
CA ALA A 277 -13.02 -12.73 -18.83
C ALA A 277 -13.97 -13.21 -17.75
N GLU A 278 -14.52 -14.42 -17.92
CA GLU A 278 -15.41 -15.01 -16.91
C GLU A 278 -14.68 -15.18 -15.57
N ALA A 279 -13.41 -15.60 -15.64
CA ALA A 279 -12.58 -15.77 -14.45
C ALA A 279 -12.48 -14.47 -13.67
N LEU A 280 -12.21 -13.38 -14.37
CA LEU A 280 -12.08 -12.06 -13.73
C LEU A 280 -13.40 -11.63 -13.10
N ARG A 281 -14.51 -11.88 -13.79
CA ARG A 281 -15.83 -11.54 -13.24
C ARG A 281 -16.08 -12.30 -11.94
N GLU A 282 -15.76 -13.59 -11.92
CA GLU A 282 -15.97 -14.39 -10.73
C GLU A 282 -15.01 -14.00 -9.61
N LEU A 283 -13.78 -13.67 -10.00
CA LEU A 283 -12.78 -13.24 -9.04
C LEU A 283 -13.26 -11.97 -8.34
N GLN A 284 -13.67 -10.99 -9.15
CA GLN A 284 -14.23 -9.73 -8.63
C GLN A 284 -15.37 -9.95 -7.63
N ALA A 285 -16.31 -10.82 -7.98
CA ALA A 285 -17.43 -11.12 -7.11
C ALA A 285 -16.95 -11.63 -5.76
N HIS A 286 -15.92 -12.47 -5.77
CA HIS A 286 -15.43 -13.07 -4.54
C HIS A 286 -14.54 -12.12 -3.75
N PHE A 287 -13.83 -11.22 -4.42
CA PHE A 287 -13.12 -10.13 -3.72
C PHE A 287 -14.14 -9.30 -2.92
N ASP A 288 -15.21 -8.90 -3.60
CA ASP A 288 -16.27 -8.14 -2.95
C ASP A 288 -16.86 -8.92 -1.77
N ALA A 289 -17.09 -10.22 -1.97
CA ALA A 289 -17.69 -11.06 -0.92
C ALA A 289 -16.77 -11.32 0.28
N THR A 290 -15.46 -11.34 0.05
CA THR A 290 -14.50 -11.72 1.08
C THR A 290 -13.73 -10.51 1.65
N ALA A 291 -13.95 -9.32 1.10
CA ALA A 291 -13.16 -8.15 1.53
C ALA A 291 -13.50 -7.72 2.96
N VAL A 292 -12.48 -7.22 3.65
CA VAL A 292 -12.62 -6.57 4.94
C VAL A 292 -12.55 -5.07 4.70
N THR A 293 -13.51 -4.34 5.25
CA THR A 293 -13.56 -2.89 5.09
C THR A 293 -13.03 -2.23 6.36
N HIS A 294 -12.12 -1.28 6.18
CA HIS A 294 -11.50 -0.58 7.31
C HIS A 294 -11.75 0.92 7.15
N ARG A 295 -12.35 1.55 8.16
CA ARG A 295 -12.36 3.01 8.19
C ARG A 295 -11.22 3.42 9.12
N LEU A 296 -10.14 3.92 8.55
CA LEU A 296 -8.97 4.24 9.35
C LEU A 296 -9.14 5.53 10.13
N LEU A 297 -8.61 5.56 11.35
CA LEU A 297 -8.57 6.77 12.19
C LEU A 297 -7.14 7.24 12.36
N PRO A 298 -6.94 8.53 12.73
CA PRO A 298 -5.59 9.03 12.92
C PRO A 298 -4.75 8.15 13.84
N GLY A 299 -3.52 7.87 13.41
CA GLY A 299 -2.60 7.03 14.18
C GLY A 299 -2.72 5.55 13.88
N GLU A 300 -3.64 5.20 12.99
CA GLU A 300 -3.78 3.81 12.54
C GLU A 300 -2.99 3.57 11.26
N LEU A 301 -2.33 2.41 11.22
CA LEU A 301 -1.47 2.01 10.12
C LEU A 301 -1.94 0.66 9.61
N ALA A 302 -2.43 0.62 8.37
CA ALA A 302 -2.78 -0.63 7.72
C ALA A 302 -1.60 -1.07 6.87
N ILE A 303 -1.23 -2.34 7.01
CA ILE A 303 -0.18 -2.93 6.21
C ILE A 303 -0.79 -4.08 5.45
N VAL A 304 -0.76 -4.00 4.13
CA VAL A 304 -1.38 -4.99 3.25
C VAL A 304 -0.25 -5.82 2.63
N ASP A 305 -0.37 -7.14 2.70
CA ASP A 305 0.55 -8.02 2.02
C ASP A 305 0.14 -8.08 0.56
N ASN A 306 0.90 -7.37 -0.28
CA ASN A 306 0.59 -7.23 -1.70
C ASN A 306 0.85 -8.49 -2.54
N ARG A 307 1.43 -9.53 -1.94
CA ARG A 307 1.62 -10.80 -2.64
C ARG A 307 0.31 -11.59 -2.69
N VAL A 308 -0.51 -11.44 -1.66
CA VAL A 308 -1.70 -12.27 -1.49
C VAL A 308 -3.03 -11.52 -1.34
N THR A 309 -2.96 -10.20 -1.25
CA THR A 309 -4.11 -9.39 -0.91
C THR A 309 -4.24 -8.22 -1.87
N VAL A 310 -5.45 -8.04 -2.40
CA VAL A 310 -5.78 -6.89 -3.23
C VAL A 310 -6.48 -5.84 -2.35
N HIS A 311 -6.46 -4.60 -2.81
CA HIS A 311 -7.17 -3.56 -2.08
C HIS A 311 -7.93 -2.62 -3.02
N GLY A 312 -8.91 -1.96 -2.44
CA GLY A 312 -9.74 -1.00 -3.13
C GLY A 312 -10.25 -0.01 -2.10
N ARG A 313 -11.18 0.82 -2.50
CA ARG A 313 -11.69 1.87 -1.62
C ARG A 313 -13.07 2.27 -2.05
N THR A 314 -13.95 2.53 -1.07
CA THR A 314 -15.31 2.89 -1.38
C THR A 314 -15.42 4.30 -1.96
N GLU A 315 -16.55 4.59 -2.58
CA GLU A 315 -16.85 5.91 -3.12
C GLU A 315 -17.15 6.85 -1.96
N PHE A 316 -16.69 8.09 -2.06
CA PHE A 316 -17.10 9.11 -1.11
C PHE A 316 -17.16 10.47 -1.78
N THR A 317 -17.74 11.45 -1.09
CA THR A 317 -17.90 12.79 -1.62
C THR A 317 -16.99 13.75 -0.85
N PRO A 318 -15.83 14.09 -1.41
CA PRO A 318 -14.94 15.02 -0.72
C PRO A 318 -15.54 16.40 -0.52
N ARG A 319 -15.13 17.03 0.57
CA ARG A 319 -15.49 18.40 0.87
C ARG A 319 -14.62 19.42 0.13
N TYR A 320 -13.36 19.07 -0.08
CA TYR A 320 -12.37 19.98 -0.68
C TYR A 320 -12.21 21.28 0.10
N ASP A 321 -12.24 21.16 1.42
CA ASP A 321 -12.12 22.30 2.31
C ASP A 321 -10.96 22.13 3.29
N GLY A 322 -10.09 21.16 3.01
CA GLY A 322 -8.92 20.90 3.85
C GLY A 322 -9.16 19.96 5.02
N THR A 323 -10.38 19.43 5.13
CA THR A 323 -10.72 18.51 6.23
C THR A 323 -10.87 17.06 5.75
N ASP A 324 -10.61 16.80 4.47
CA ASP A 324 -10.81 15.46 3.92
C ASP A 324 -9.80 14.43 4.36
N ARG A 325 -10.17 13.18 4.09
CA ARG A 325 -9.33 12.01 4.28
C ARG A 325 -7.90 12.26 3.86
N TRP A 326 -6.96 11.87 4.72
CA TRP A 326 -5.56 12.03 4.41
C TRP A 326 -4.80 10.82 4.93
N LEU A 327 -4.36 9.96 4.01
CA LEU A 327 -3.45 8.88 4.34
C LEU A 327 -2.09 9.18 3.76
N GLN A 328 -1.06 8.63 4.38
CA GLN A 328 0.26 8.61 3.77
C GLN A 328 0.67 7.17 3.56
N ARG A 329 1.34 6.94 2.42
CA ARG A 329 1.58 5.61 1.91
C ARG A 329 3.06 5.40 1.64
N THR A 330 3.56 4.24 2.07
CA THR A 330 4.92 3.84 1.75
C THR A 330 4.90 2.36 1.35
N PHE A 331 5.60 2.07 0.28
CA PHE A 331 5.80 0.70 -0.21
C PHE A 331 7.02 0.06 0.43
N VAL A 332 6.92 -1.25 0.65
CA VAL A 332 8.02 -2.01 1.22
C VAL A 332 8.43 -3.11 0.24
N LEU A 333 9.74 -3.19 0.00
CA LEU A 333 10.32 -4.29 -0.75
C LEU A 333 11.02 -5.20 0.26
N THR A 334 10.60 -6.45 0.29
CA THR A 334 11.14 -7.42 1.24
C THR A 334 12.60 -7.79 0.95
N ASP A 335 13.01 -7.67 -0.31
CA ASP A 335 14.40 -7.91 -0.70
C ASP A 335 14.79 -6.87 -1.73
N LEU A 336 15.20 -5.71 -1.24
CA LEU A 336 15.59 -4.59 -2.08
C LEU A 336 16.65 -4.99 -3.09
N ARG A 337 17.53 -5.92 -2.74
CA ARG A 337 18.61 -6.31 -3.65
C ARG A 337 18.12 -6.76 -5.04
N ARG A 338 16.95 -7.39 -5.08
CA ARG A 338 16.42 -7.95 -6.34
C ARG A 338 16.23 -6.90 -7.42
N SER A 339 16.03 -5.65 -7.02
CA SER A 339 15.72 -4.60 -7.97
C SER A 339 16.89 -3.66 -8.26
N ARG A 340 18.09 -4.09 -7.91
CA ARG A 340 19.27 -3.22 -8.04
C ARG A 340 19.44 -2.62 -9.44
N ALA A 341 19.15 -3.41 -10.48
CA ALA A 341 19.29 -2.94 -11.86
C ALA A 341 18.38 -1.75 -12.17
N MET A 342 17.35 -1.54 -11.35
CA MET A 342 16.43 -0.42 -11.55
C MET A 342 16.66 0.75 -10.59
N ARG A 343 17.69 0.65 -9.75
CA ARG A 343 17.93 1.60 -8.66
C ARG A 343 19.32 2.22 -8.77
N PRO A 344 19.45 3.26 -9.59
CA PRO A 344 20.73 3.96 -9.75
C PRO A 344 21.38 4.30 -8.41
N ALA A 345 22.68 4.05 -8.33
CA ALA A 345 23.47 4.31 -7.13
C ALA A 345 22.93 3.57 -5.92
N ASP A 346 22.23 2.45 -6.15
CA ASP A 346 21.72 1.63 -5.05
C ASP A 346 20.76 2.45 -4.18
N GLY A 347 19.96 3.29 -4.82
CA GLY A 347 18.99 4.12 -4.11
C GLY A 347 17.67 3.42 -3.88
N TYR A 348 16.65 4.19 -3.52
CA TYR A 348 15.33 3.62 -3.16
C TYR A 348 14.27 3.89 -4.24
N VAL A 349 14.69 4.44 -5.37
CA VAL A 349 13.77 4.81 -6.44
C VAL A 349 14.01 3.92 -7.66
N LEU A 350 13.00 3.14 -8.01
CA LEU A 350 13.05 2.22 -9.12
C LEU A 350 12.58 2.86 -10.42
N GLY A 351 13.38 2.69 -11.48
CA GLY A 351 13.04 3.16 -12.83
C GLY A 351 13.28 2.07 -13.88
N ALA A 352 13.59 2.48 -15.11
CA ALA A 352 13.64 1.55 -16.24
C ALA A 352 14.79 0.55 -16.13
N ALA A 353 14.56 -0.65 -16.68
CA ALA A 353 15.61 -1.64 -16.95
C ALA A 353 16.61 -1.82 -15.81
#